data_7C8E
#
_entry.id   7C8E
#
_cell.length_a   59.470
_cell.length_b   83.350
_cell.length_c   118.810
_cell.angle_alpha   90.000
_cell.angle_beta   90.000
_cell.angle_gamma   90.000
#
_symmetry.space_group_name_H-M   'P 21 21 21'
#
loop_
_entity.id
_entity.type
_entity.pdbx_description
1 polymer '14-3-3 protein epsilon'
2 polymer 9J10
3 non-polymer 2-AMINO-2-HYDROXYMETHYL-PROPANE-1,3-DIOL
4 water water
#
loop_
_entity_poly.entity_id
_entity_poly.type
_entity_poly.pdbx_seq_one_letter_code
_entity_poly.pdbx_strand_id
1 'polypeptide(L)'
;MGSSHHHHHHSSGLVPRGSHMASMTGGQQMGRGSMDDREDLVYQAKLAEQAERYDEMVESMKKVAGMDVELTVEERNLLS
VAYKNVIGARRASWRIISSIEQKEENKGGEDKLKMIREYRQMVETELKLICCDILDVLDKHLIPAANTGESKVFYYKMKG
DYHRYLAEFATGNDRKEAAENSLVAYKAASDIAMTELPPTHPIRLGLALNFSVFYYEILNSPDRACRLAKAAFDDAIAEL
DTLSEESYKDSTLIMQLLRDNLTLWT
;
A,B
2 'polypeptide(L)' LNRTPGRRRN(SEP)N C,D
#
loop_
_chem_comp.id
_chem_comp.type
_chem_comp.name
_chem_comp.formula
TRS non-polymer 2-AMINO-2-HYDROXYMETHYL-PROPANE-1,3-DIOL 'C4 H12 N O3 1'
#
# COMPACT_ATOMS: atom_id res chain seq x y z
N ASP A 37 -0.61 24.03 -18.31
CA ASP A 37 -1.67 23.31 -17.55
C ASP A 37 -1.32 21.81 -17.52
N ARG A 38 -1.29 21.17 -18.70
CA ARG A 38 -0.96 19.74 -18.88
C ARG A 38 0.44 19.46 -18.31
N GLU A 39 1.35 20.42 -18.47
CA GLU A 39 2.76 20.33 -17.99
C GLU A 39 2.73 20.17 -16.47
N ASP A 40 1.92 21.01 -15.81
CA ASP A 40 1.75 21.06 -14.33
C ASP A 40 1.11 19.74 -13.87
N LEU A 41 0.00 19.35 -14.51
CA LEU A 41 -0.79 18.12 -14.21
C LEU A 41 0.12 16.88 -14.28
N VAL A 42 0.99 16.80 -15.29
CA VAL A 42 1.84 15.59 -15.56
C VAL A 42 2.93 15.48 -14.48
N TYR A 43 3.54 16.60 -14.07
CA TYR A 43 4.60 16.60 -13.03
C TYR A 43 3.99 16.34 -11.65
N GLN A 44 2.74 16.75 -11.44
CA GLN A 44 1.96 16.46 -10.21
C GLN A 44 1.67 14.95 -10.15
N ALA A 45 1.44 14.32 -11.30
CA ALA A 45 1.14 12.87 -11.46
C ALA A 45 2.41 12.03 -11.24
N LYS A 46 3.60 12.56 -11.57
CA LYS A 46 4.90 11.90 -11.30
C LYS A 46 5.17 11.92 -9.79
N LEU A 47 4.99 13.07 -9.14
CA LEU A 47 5.12 13.23 -7.66
C LEU A 47 4.21 12.23 -6.96
N ALA A 48 2.96 12.10 -7.43
CA ALA A 48 1.94 11.16 -6.90
C ALA A 48 2.46 9.72 -7.04
N GLU A 49 2.95 9.35 -8.23
CA GLU A 49 3.55 8.03 -8.50
C GLU A 49 4.60 7.70 -7.44
N GLN A 50 5.48 8.67 -7.13
CA GLN A 50 6.67 8.48 -6.24
C GLN A 50 6.20 8.35 -4.79
N ALA A 51 5.21 9.13 -4.37
CA ALA A 51 4.60 9.08 -3.02
C ALA A 51 3.70 7.85 -2.91
N GLU A 52 3.43 7.18 -4.04
CA GLU A 52 2.56 5.98 -4.14
C GLU A 52 1.16 6.37 -3.66
N ARG A 53 0.77 7.61 -3.98
CA ARG A 53 -0.58 8.17 -3.73
C ARG A 53 -1.33 8.18 -5.07
N TYR A 54 -1.86 7.01 -5.47
CA TYR A 54 -2.40 6.75 -6.83
C TYR A 54 -3.84 7.28 -6.97
N ASP A 55 -4.48 7.69 -5.88
CA ASP A 55 -5.81 8.34 -5.90
C ASP A 55 -5.67 9.76 -6.46
N GLU A 56 -4.56 10.43 -6.16
CA GLU A 56 -4.22 11.79 -6.68
C GLU A 56 -3.67 11.67 -8.10
N MET A 57 -2.80 10.69 -8.35
CA MET A 57 -2.23 10.38 -9.69
C MET A 57 -3.37 10.20 -10.70
N VAL A 58 -4.43 9.47 -10.33
CA VAL A 58 -5.62 9.27 -11.20
C VAL A 58 -6.23 10.64 -11.51
N GLU A 59 -6.42 11.49 -10.49
CA GLU A 59 -7.00 12.85 -10.65
C GLU A 59 -6.22 13.62 -11.71
N SER A 60 -4.92 13.85 -11.46
CA SER A 60 -3.98 14.56 -12.36
C SER A 60 -4.21 14.11 -13.81
N MET A 61 -4.12 12.80 -14.08
CA MET A 61 -4.09 12.23 -15.45
C MET A 61 -5.48 12.27 -16.09
N LYS A 62 -6.57 12.22 -15.30
CA LYS A 62 -7.96 12.33 -15.81
C LYS A 62 -8.20 13.75 -16.34
N LYS A 63 -7.60 14.75 -15.68
CA LYS A 63 -7.71 16.18 -16.08
C LYS A 63 -7.02 16.37 -17.43
N VAL A 64 -5.84 15.75 -17.60
CA VAL A 64 -5.11 15.70 -18.90
C VAL A 64 -6.05 15.10 -19.95
N ALA A 65 -6.54 13.89 -19.69
CA ALA A 65 -7.36 13.06 -20.62
C ALA A 65 -8.69 13.75 -20.96
N GLY A 66 -9.08 14.77 -20.19
CA GLY A 66 -10.30 15.58 -20.45
C GLY A 66 -10.11 16.53 -21.61
N MET A 67 -8.86 16.88 -21.93
CA MET A 67 -8.49 17.92 -22.94
C MET A 67 -8.65 17.39 -24.37
N ASP A 68 -9.13 16.14 -24.53
CA ASP A 68 -9.42 15.50 -25.85
C ASP A 68 -8.18 15.62 -26.74
N VAL A 69 -7.05 15.05 -26.31
CA VAL A 69 -5.75 15.15 -27.01
C VAL A 69 -5.20 13.74 -27.26
N GLU A 70 -4.28 13.61 -28.22
CA GLU A 70 -3.35 12.45 -28.35
C GLU A 70 -2.33 12.57 -27.20
N LEU A 71 -2.34 11.62 -26.26
CA LEU A 71 -1.40 11.60 -25.11
C LEU A 71 -0.01 11.20 -25.62
N THR A 72 1.05 11.80 -25.07
CA THR A 72 2.46 11.32 -25.24
C THR A 72 2.55 9.96 -24.56
N VAL A 73 3.54 9.13 -24.90
CA VAL A 73 3.65 7.74 -24.37
C VAL A 73 3.75 7.80 -22.84
N GLU A 74 4.40 8.85 -22.30
CA GLU A 74 4.55 9.09 -20.84
C GLU A 74 3.17 9.26 -20.19
N GLU A 75 2.35 10.16 -20.73
CA GLU A 75 0.95 10.42 -20.26
C GLU A 75 0.16 9.10 -20.30
N ARG A 76 0.31 8.31 -21.37
CA ARG A 76 -0.39 7.01 -21.55
C ARG A 76 -0.01 6.06 -20.41
N ASN A 77 1.29 5.94 -20.13
CA ASN A 77 1.83 5.00 -19.10
C ASN A 77 1.39 5.49 -17.72
N LEU A 78 1.62 6.76 -17.42
CA LEU A 78 1.21 7.42 -16.15
C LEU A 78 -0.27 7.12 -15.91
N LEU A 79 -1.13 7.33 -16.91
CA LEU A 79 -2.59 7.07 -16.83
C LEU A 79 -2.79 5.61 -16.45
N SER A 80 -2.21 4.69 -17.24
CA SER A 80 -2.38 3.22 -17.10
C SER A 80 -1.99 2.79 -15.67
N VAL A 81 -0.78 3.14 -15.23
CA VAL A 81 -0.18 2.78 -13.91
C VAL A 81 -1.10 3.27 -12.79
N ALA A 82 -1.46 4.55 -12.81
CA ALA A 82 -2.30 5.25 -11.80
C ALA A 82 -3.61 4.47 -11.57
N TYR A 83 -4.26 4.04 -12.65
CA TYR A 83 -5.53 3.27 -12.62
C TYR A 83 -5.26 1.81 -12.26
N LYS A 84 -4.18 1.24 -12.82
CA LYS A 84 -3.71 -0.15 -12.57
C LYS A 84 -3.56 -0.37 -11.05
N ASN A 85 -2.90 0.58 -10.38
CA ASN A 85 -2.59 0.51 -8.92
C ASN A 85 -3.88 0.66 -8.09
N VAL A 86 -4.74 1.63 -8.44
CA VAL A 86 -6.00 1.91 -7.69
C VAL A 86 -6.92 0.69 -7.78
N ILE A 87 -7.16 0.14 -8.98
CA ILE A 87 -7.90 -1.14 -9.17
C ILE A 87 -7.08 -2.26 -8.52
N GLY A 88 -5.76 -2.25 -8.72
CA GLY A 88 -4.84 -3.29 -8.20
C GLY A 88 -5.18 -3.63 -6.76
N ALA A 89 -5.10 -2.62 -5.88
CA ALA A 89 -5.30 -2.70 -4.42
C ALA A 89 -6.65 -3.36 -4.09
N ARG A 90 -7.73 -2.90 -4.72
CA ARG A 90 -9.11 -3.42 -4.55
C ARG A 90 -9.15 -4.91 -4.90
N ARG A 91 -8.49 -5.31 -5.99
CA ARG A 91 -8.47 -6.70 -6.51
C ARG A 91 -7.79 -7.61 -5.48
N ALA A 92 -6.65 -7.18 -4.94
CA ALA A 92 -5.86 -7.87 -3.87
C ALA A 92 -6.72 -8.05 -2.62
N SER A 93 -7.45 -6.99 -2.21
CA SER A 93 -8.45 -7.01 -1.11
C SER A 93 -9.50 -8.08 -1.41
N TRP A 94 -10.22 -7.94 -2.53
CA TRP A 94 -11.32 -8.85 -2.95
C TRP A 94 -10.84 -10.31 -2.89
N ARG A 95 -9.67 -10.61 -3.45
CA ARG A 95 -9.04 -11.96 -3.39
C ARG A 95 -8.98 -12.42 -1.93
N ILE A 96 -8.42 -11.58 -1.06
CA ILE A 96 -8.14 -11.91 0.37
C ILE A 96 -9.46 -12.06 1.13
N ILE A 97 -10.47 -11.22 0.85
CA ILE A 97 -11.80 -11.30 1.51
C ILE A 97 -12.52 -12.56 1.02
N SER A 98 -12.52 -12.81 -0.29
CA SER A 98 -13.09 -14.03 -0.94
C SER A 98 -12.46 -15.29 -0.32
N SER A 99 -11.16 -15.25 0.01
CA SER A 99 -10.40 -16.36 0.63
C SER A 99 -10.96 -16.65 2.03
N ILE A 100 -11.12 -15.60 2.84
CA ILE A 100 -11.64 -15.68 4.24
C ILE A 100 -13.07 -16.23 4.20
N GLU A 101 -13.87 -15.81 3.21
CA GLU A 101 -15.27 -16.29 2.98
C GLU A 101 -15.26 -17.78 2.67
N GLN A 102 -14.41 -18.22 1.74
CA GLN A 102 -14.30 -19.63 1.28
C GLN A 102 -13.67 -20.50 2.38
N LYS A 103 -12.83 -19.92 3.24
CA LYS A 103 -12.18 -20.61 4.38
C LYS A 103 -13.10 -20.59 5.61
N GLU A 104 -14.27 -19.94 5.52
CA GLU A 104 -15.31 -19.88 6.58
C GLU A 104 -16.60 -20.59 6.13
N GLU A 105 -16.78 -20.80 4.82
CA GLU A 105 -17.83 -21.69 4.25
C GLU A 105 -17.47 -23.15 4.57
N ASN A 106 -16.21 -23.53 4.30
CA ASN A 106 -15.66 -24.90 4.48
C ASN A 106 -15.63 -25.28 5.96
N LYS A 107 -15.00 -24.45 6.81
CA LYS A 107 -14.95 -24.64 8.29
C LYS A 107 -16.38 -24.70 8.84
N GLY A 108 -17.32 -24.00 8.19
CA GLY A 108 -18.78 -24.10 8.46
C GLY A 108 -19.24 -23.12 9.53
N GLY A 109 -18.38 -22.19 9.96
CA GLY A 109 -18.74 -21.07 10.86
C GLY A 109 -19.49 -19.99 10.10
N GLU A 110 -20.83 -20.06 10.12
CA GLU A 110 -21.74 -19.36 9.16
C GLU A 110 -22.12 -17.95 9.66
N ASP A 111 -22.15 -17.73 10.98
CA ASP A 111 -22.73 -16.50 11.59
C ASP A 111 -21.81 -15.30 11.35
N LYS A 112 -20.49 -15.51 11.29
CA LYS A 112 -19.46 -14.46 11.00
C LYS A 112 -19.50 -14.08 9.52
N LEU A 113 -19.95 -15.00 8.65
CA LEU A 113 -19.94 -14.84 7.17
C LEU A 113 -20.98 -13.80 6.71
N LYS A 114 -21.83 -13.31 7.63
CA LYS A 114 -22.86 -12.28 7.34
C LYS A 114 -22.18 -10.93 7.03
N MET A 115 -21.20 -10.55 7.87
CA MET A 115 -20.40 -9.31 7.75
C MET A 115 -19.56 -9.34 6.46
N ILE A 116 -18.87 -10.46 6.23
CA ILE A 116 -17.85 -10.65 5.15
C ILE A 116 -18.48 -10.34 3.79
N ARG A 117 -19.69 -10.84 3.56
CA ARG A 117 -20.35 -10.81 2.22
C ARG A 117 -20.81 -9.38 1.90
N GLU A 118 -21.04 -8.55 2.93
CA GLU A 118 -21.29 -7.09 2.79
C GLU A 118 -19.97 -6.37 2.51
N TYR A 119 -18.89 -6.87 3.12
CA TYR A 119 -17.51 -6.29 3.01
C TYR A 119 -16.89 -6.67 1.67
N ARG A 120 -17.20 -7.85 1.15
CA ARG A 120 -16.83 -8.24 -0.24
C ARG A 120 -17.60 -7.35 -1.21
N GLN A 121 -18.93 -7.31 -1.07
CA GLN A 121 -19.85 -6.54 -1.96
C GLN A 121 -19.44 -5.06 -1.98
N MET A 122 -19.04 -4.50 -0.84
CA MET A 122 -18.49 -3.11 -0.77
C MET A 122 -17.34 -2.97 -1.76
N VAL A 123 -16.35 -3.86 -1.66
CA VAL A 123 -15.12 -3.84 -2.50
C VAL A 123 -15.52 -4.04 -3.97
N GLU A 124 -16.46 -4.96 -4.23
CA GLU A 124 -17.01 -5.23 -5.58
C GLU A 124 -17.54 -3.91 -6.16
N THR A 125 -18.23 -3.09 -5.36
CA THR A 125 -18.79 -1.78 -5.79
C THR A 125 -17.64 -0.86 -6.20
N GLU A 126 -16.64 -0.69 -5.34
CA GLU A 126 -15.44 0.15 -5.59
C GLU A 126 -14.80 -0.27 -6.91
N LEU A 127 -14.61 -1.58 -7.11
CA LEU A 127 -14.09 -2.15 -8.38
C LEU A 127 -14.97 -1.67 -9.53
N LYS A 128 -16.27 -2.01 -9.48
CA LYS A 128 -17.24 -1.72 -10.58
C LYS A 128 -17.13 -0.24 -10.93
N LEU A 129 -16.99 0.63 -9.91
CA LEU A 129 -16.96 2.10 -10.09
C LEU A 129 -15.65 2.53 -10.76
N ILE A 130 -14.50 1.98 -10.33
CA ILE A 130 -13.16 2.29 -10.91
C ILE A 130 -13.19 1.90 -12.40
N CYS A 131 -13.42 0.60 -12.69
CA CYS A 131 -13.53 0.03 -14.05
C CYS A 131 -14.43 0.92 -14.92
N CYS A 132 -15.66 1.21 -14.45
CA CYS A 132 -16.64 2.07 -15.15
C CYS A 132 -16.06 3.47 -15.38
N ASP A 133 -15.34 4.01 -14.40
CA ASP A 133 -14.76 5.38 -14.47
C ASP A 133 -13.78 5.47 -15.64
N ILE A 134 -12.82 4.55 -15.70
CA ILE A 134 -11.77 4.52 -16.77
C ILE A 134 -12.44 4.23 -18.11
N LEU A 135 -13.34 3.25 -18.19
CA LEU A 135 -14.01 2.86 -19.47
C LEU A 135 -14.74 4.08 -20.04
N ASP A 136 -15.47 4.81 -19.20
CA ASP A 136 -16.15 6.08 -19.57
C ASP A 136 -15.09 7.04 -20.16
N VAL A 137 -13.92 7.14 -19.52
CA VAL A 137 -12.78 8.01 -19.98
C VAL A 137 -12.24 7.47 -21.31
N LEU A 138 -12.06 6.15 -21.44
CA LEU A 138 -11.57 5.49 -22.69
C LEU A 138 -12.57 5.73 -23.82
N ASP A 139 -13.86 5.47 -23.56
CA ASP A 139 -14.96 5.48 -24.57
C ASP A 139 -15.20 6.92 -25.06
N LYS A 140 -15.19 7.90 -24.16
CA LYS A 140 -15.70 9.28 -24.45
C LYS A 140 -14.59 10.20 -24.93
N HIS A 141 -13.31 9.93 -24.60
CA HIS A 141 -12.18 10.89 -24.79
C HIS A 141 -11.03 10.26 -25.58
N LEU A 142 -10.41 9.21 -25.03
CA LEU A 142 -9.12 8.67 -25.53
C LEU A 142 -9.33 8.00 -26.90
N ILE A 143 -10.21 6.99 -27.00
CA ILE A 143 -10.47 6.23 -28.25
C ILE A 143 -11.01 7.17 -29.34
N PRO A 144 -12.03 8.00 -29.05
CA PRO A 144 -12.51 8.99 -30.03
C PRO A 144 -11.38 9.87 -30.60
N ALA A 145 -10.46 10.32 -29.75
CA ALA A 145 -9.39 11.30 -30.09
C ALA A 145 -8.02 10.60 -30.19
N ALA A 146 -8.00 9.36 -30.69
CA ALA A 146 -6.76 8.56 -30.88
C ALA A 146 -6.63 8.15 -32.35
N ASN A 147 -5.90 8.93 -33.13
CA ASN A 147 -5.54 8.66 -34.55
C ASN A 147 -4.04 8.35 -34.61
N THR A 148 -3.66 7.10 -34.29
CA THR A 148 -2.27 6.61 -34.13
C THR A 148 -2.31 5.11 -33.79
N GLY A 149 -1.57 4.29 -34.53
CA GLY A 149 -1.61 2.82 -34.40
C GLY A 149 -1.43 2.37 -32.97
N GLU A 150 -0.38 2.86 -32.29
CA GLU A 150 0.00 2.47 -30.91
C GLU A 150 -1.18 2.76 -29.97
N SER A 151 -1.46 4.04 -29.72
CA SER A 151 -2.51 4.53 -28.79
C SER A 151 -3.79 3.72 -28.95
N LYS A 152 -4.28 3.56 -30.19
CA LYS A 152 -5.50 2.78 -30.51
C LYS A 152 -5.40 1.39 -29.87
N VAL A 153 -4.32 0.65 -30.14
CA VAL A 153 -4.07 -0.72 -29.59
C VAL A 153 -4.03 -0.65 -28.06
N PHE A 154 -3.24 0.30 -27.54
CA PHE A 154 -3.03 0.57 -26.10
C PHE A 154 -4.38 0.74 -25.39
N TYR A 155 -5.27 1.57 -25.96
CA TYR A 155 -6.57 1.94 -25.35
C TYR A 155 -7.58 0.78 -25.44
N TYR A 156 -7.59 0.04 -26.55
CA TYR A 156 -8.46 -1.14 -26.73
C TYR A 156 -7.98 -2.25 -25.78
N LYS A 157 -6.67 -2.34 -25.57
CA LYS A 157 -6.05 -3.25 -24.57
C LYS A 157 -6.59 -2.89 -23.19
N MET A 158 -6.30 -1.67 -22.75
CA MET A 158 -6.80 -1.04 -21.49
C MET A 158 -8.29 -1.35 -21.29
N LYS A 159 -9.11 -1.12 -22.31
CA LYS A 159 -10.57 -1.41 -22.29
C LYS A 159 -10.80 -2.89 -21.96
N GLY A 160 -10.05 -3.79 -22.61
CA GLY A 160 -10.14 -5.25 -22.40
C GLY A 160 -9.76 -5.62 -20.98
N ASP A 161 -8.63 -5.08 -20.49
CA ASP A 161 -8.09 -5.33 -19.13
C ASP A 161 -9.18 -5.04 -18.09
N TYR A 162 -9.92 -3.93 -18.24
CA TYR A 162 -10.87 -3.42 -17.22
C TYR A 162 -12.17 -4.24 -17.30
N HIS A 163 -12.67 -4.53 -18.51
CA HIS A 163 -13.74 -5.54 -18.73
C HIS A 163 -13.32 -6.87 -18.05
N ARG A 164 -12.04 -7.24 -18.12
CA ARG A 164 -11.50 -8.48 -17.51
C ARG A 164 -11.62 -8.38 -15.99
N TYR A 165 -11.22 -7.25 -15.39
CA TYR A 165 -11.28 -7.00 -13.93
C TYR A 165 -12.74 -7.01 -13.47
N LEU A 166 -13.66 -6.55 -14.34
CA LEU A 166 -15.13 -6.66 -14.15
C LEU A 166 -15.54 -8.15 -14.17
N ALA A 167 -15.01 -8.92 -15.13
CA ALA A 167 -15.23 -10.38 -15.28
C ALA A 167 -14.69 -11.15 -14.07
N GLU A 168 -13.60 -10.67 -13.45
CA GLU A 168 -12.90 -11.35 -12.33
C GLU A 168 -13.89 -11.67 -11.20
N PHE A 169 -14.63 -10.67 -10.71
CA PHE A 169 -15.48 -10.77 -9.50
C PHE A 169 -16.96 -10.99 -9.86
N ALA A 170 -17.34 -10.79 -11.13
CA ALA A 170 -18.73 -10.98 -11.62
C ALA A 170 -19.12 -12.46 -11.60
N THR A 171 -20.43 -12.74 -11.69
CA THR A 171 -21.02 -14.10 -11.81
C THR A 171 -22.36 -14.02 -12.56
N GLY A 172 -22.72 -15.08 -13.29
CA GLY A 172 -23.95 -15.16 -14.09
C GLY A 172 -23.88 -14.25 -15.31
N ASN A 173 -25.05 -13.86 -15.85
CA ASN A 173 -25.17 -13.01 -17.07
C ASN A 173 -24.15 -11.86 -17.02
N ASP A 174 -23.80 -11.38 -15.81
CA ASP A 174 -22.81 -10.29 -15.58
C ASP A 174 -21.45 -10.72 -16.14
N ARG A 175 -20.92 -11.84 -15.64
CA ARG A 175 -19.59 -12.39 -16.00
C ARG A 175 -19.53 -12.64 -17.52
N LYS A 176 -20.60 -13.16 -18.11
CA LYS A 176 -20.72 -13.43 -19.57
C LYS A 176 -20.65 -12.12 -20.36
N GLU A 177 -21.40 -11.09 -19.91
CA GLU A 177 -21.49 -9.76 -20.58
C GLU A 177 -20.09 -9.13 -20.64
N ALA A 178 -19.42 -9.08 -19.49
CA ALA A 178 -18.08 -8.48 -19.29
C ALA A 178 -17.04 -9.26 -20.10
N ALA A 179 -17.08 -10.59 -20.03
CA ALA A 179 -16.16 -11.50 -20.76
C ALA A 179 -16.26 -11.24 -22.27
N GLU A 180 -17.48 -11.07 -22.79
CA GLU A 180 -17.75 -10.76 -24.23
C GLU A 180 -17.06 -9.43 -24.59
N ASN A 181 -17.25 -8.39 -23.78
CA ASN A 181 -16.69 -7.02 -24.01
C ASN A 181 -15.16 -7.03 -23.90
N SER A 182 -14.63 -7.76 -22.92
CA SER A 182 -13.19 -7.99 -22.68
C SER A 182 -12.58 -8.60 -23.95
N LEU A 183 -13.13 -9.73 -24.39
CA LEU A 183 -12.71 -10.47 -25.61
C LEU A 183 -12.75 -9.51 -26.81
N VAL A 184 -13.94 -8.99 -27.12
CA VAL A 184 -14.19 -8.09 -28.29
C VAL A 184 -13.09 -7.01 -28.32
N ALA A 185 -12.75 -6.43 -27.16
CA ALA A 185 -11.75 -5.34 -27.02
C ALA A 185 -10.34 -5.87 -27.32
N TYR A 186 -10.02 -7.11 -26.90
CA TYR A 186 -8.69 -7.73 -27.11
C TYR A 186 -8.51 -8.14 -28.59
N LYS A 187 -9.56 -8.71 -29.23
CA LYS A 187 -9.59 -9.06 -30.67
C LYS A 187 -9.49 -7.77 -31.52
N ALA A 188 -10.14 -6.69 -31.07
CA ALA A 188 -10.14 -5.37 -31.75
C ALA A 188 -8.76 -4.72 -31.65
N ALA A 189 -8.05 -4.92 -30.53
CA ALA A 189 -6.67 -4.46 -30.30
C ALA A 189 -5.68 -5.34 -31.06
N SER A 190 -5.88 -6.66 -31.03
CA SER A 190 -5.03 -7.68 -31.72
C SER A 190 -5.02 -7.41 -33.22
N ASP A 191 -6.20 -7.37 -33.83
CA ASP A 191 -6.40 -7.03 -35.26
C ASP A 191 -5.50 -5.85 -35.63
N ILE A 192 -5.60 -4.75 -34.88
CA ILE A 192 -4.93 -3.44 -35.15
C ILE A 192 -3.42 -3.60 -34.87
N ALA A 193 -3.05 -4.34 -33.83
CA ALA A 193 -1.65 -4.59 -33.42
C ALA A 193 -0.90 -5.35 -34.53
N MET A 194 -1.53 -6.37 -35.09
CA MET A 194 -0.93 -7.26 -36.12
C MET A 194 -0.68 -6.51 -37.44
N THR A 195 -1.40 -5.40 -37.69
CA THR A 195 -1.31 -4.62 -38.95
C THR A 195 -0.37 -3.42 -38.81
N GLU A 196 -0.28 -2.80 -37.62
CA GLU A 196 0.38 -1.47 -37.44
C GLU A 196 1.53 -1.52 -36.43
N LEU A 197 1.70 -2.62 -35.67
CA LEU A 197 2.86 -2.82 -34.77
C LEU A 197 3.64 -4.06 -35.20
N PRO A 198 5.00 -4.00 -35.24
CA PRO A 198 5.80 -5.22 -35.42
C PRO A 198 5.65 -6.10 -34.18
N PRO A 199 6.06 -7.38 -34.23
CA PRO A 199 5.85 -8.29 -33.10
C PRO A 199 6.76 -7.95 -31.90
N THR A 200 7.87 -7.24 -32.16
CA THR A 200 8.85 -6.79 -31.14
C THR A 200 8.22 -5.76 -30.19
N HIS A 201 7.35 -4.89 -30.73
CA HIS A 201 6.70 -3.75 -30.02
C HIS A 201 6.16 -4.21 -28.67
N PRO A 202 6.60 -3.62 -27.54
CA PRO A 202 6.19 -4.08 -26.21
C PRO A 202 4.67 -3.99 -25.98
N ILE A 203 4.03 -2.92 -26.47
CA ILE A 203 2.56 -2.70 -26.32
C ILE A 203 1.79 -3.84 -27.00
N ARG A 204 2.35 -4.47 -28.05
CA ARG A 204 1.70 -5.62 -28.73
C ARG A 204 1.91 -6.90 -27.91
N LEU A 205 3.10 -7.06 -27.32
CA LEU A 205 3.42 -8.21 -26.42
C LEU A 205 2.56 -8.09 -25.16
N GLY A 206 2.52 -6.89 -24.57
CA GLY A 206 1.65 -6.55 -23.42
C GLY A 206 0.23 -7.04 -23.66
N LEU A 207 -0.37 -6.58 -24.76
CA LEU A 207 -1.72 -7.02 -25.24
C LEU A 207 -1.75 -8.55 -25.32
N ALA A 208 -0.72 -9.15 -25.92
CA ALA A 208 -0.61 -10.62 -26.09
C ALA A 208 -0.48 -11.30 -24.72
N LEU A 209 0.17 -10.64 -23.76
CA LEU A 209 0.39 -11.19 -22.39
C LEU A 209 -0.96 -11.22 -21.66
N ASN A 210 -1.67 -10.08 -21.64
CA ASN A 210 -2.96 -9.88 -20.92
C ASN A 210 -4.07 -10.69 -21.61
N PHE A 211 -4.06 -10.81 -22.93
CA PHE A 211 -5.03 -11.64 -23.69
C PHE A 211 -4.85 -13.11 -23.27
N SER A 212 -3.61 -13.59 -23.16
CA SER A 212 -3.29 -14.98 -22.72
C SER A 212 -3.80 -15.17 -21.29
N VAL A 213 -3.68 -14.14 -20.46
CA VAL A 213 -4.15 -14.14 -19.04
C VAL A 213 -5.68 -14.23 -19.06
N PHE A 214 -6.33 -13.46 -19.94
CA PHE A 214 -7.80 -13.48 -20.15
C PHE A 214 -8.25 -14.92 -20.41
N TYR A 215 -7.68 -15.57 -21.44
CA TYR A 215 -7.98 -16.98 -21.84
C TYR A 215 -7.80 -17.90 -20.64
N TYR A 216 -6.66 -17.83 -19.94
CA TYR A 216 -6.32 -18.72 -18.81
C TYR A 216 -7.32 -18.53 -17.67
N GLU A 217 -7.55 -17.28 -17.26
CA GLU A 217 -8.26 -16.94 -16.00
C GLU A 217 -9.78 -16.86 -16.23
N ILE A 218 -10.23 -16.25 -17.32
CA ILE A 218 -11.68 -15.90 -17.54
C ILE A 218 -12.41 -17.05 -18.26
N LEU A 219 -11.89 -17.50 -19.41
CA LEU A 219 -12.50 -18.59 -20.23
C LEU A 219 -12.10 -19.97 -19.66
N ASN A 220 -11.19 -20.00 -18.67
CA ASN A 220 -10.70 -21.23 -17.99
C ASN A 220 -10.08 -22.15 -19.05
N SER A 221 -9.20 -21.60 -19.89
CA SER A 221 -8.69 -22.24 -21.13
C SER A 221 -7.16 -22.20 -21.16
N PRO A 222 -6.48 -23.03 -20.32
CA PRO A 222 -5.02 -23.05 -20.25
C PRO A 222 -4.24 -23.24 -21.56
N ASP A 223 -4.75 -24.04 -22.50
CA ASP A 223 -4.06 -24.36 -23.78
C ASP A 223 -3.98 -23.09 -24.64
N ARG A 224 -5.12 -22.47 -24.91
CA ARG A 224 -5.23 -21.24 -25.75
C ARG A 224 -4.41 -20.12 -25.10
N ALA A 225 -4.36 -20.09 -23.76
CA ALA A 225 -3.55 -19.16 -22.94
C ALA A 225 -2.06 -19.35 -23.24
N CYS A 226 -1.58 -20.60 -23.13
CA CYS A 226 -0.17 -20.99 -23.41
C CYS A 226 0.14 -20.78 -24.90
N ARG A 227 -0.76 -21.26 -25.78
CA ARG A 227 -0.61 -21.17 -27.25
C ARG A 227 -0.54 -19.70 -27.67
N LEU A 228 -1.39 -18.84 -27.12
CA LEU A 228 -1.43 -17.39 -27.48
C LEU A 228 -0.16 -16.70 -26.97
N ALA A 229 0.21 -16.95 -25.71
CA ALA A 229 1.38 -16.34 -25.03
C ALA A 229 2.66 -16.68 -25.80
N LYS A 230 2.95 -17.96 -26.01
CA LYS A 230 4.14 -18.47 -26.74
C LYS A 230 4.19 -17.90 -28.16
N ALA A 231 3.07 -17.94 -28.89
CA ALA A 231 2.92 -17.48 -30.29
C ALA A 231 3.45 -16.04 -30.45
N ALA A 232 3.23 -15.19 -29.44
CA ALA A 232 3.68 -13.79 -29.40
C ALA A 232 5.20 -13.74 -29.13
N PHE A 233 5.65 -14.54 -28.16
CA PHE A 233 7.07 -14.74 -27.81
C PHE A 233 7.84 -15.09 -29.10
N ASP A 234 7.35 -16.08 -29.84
CA ASP A 234 8.05 -16.75 -30.97
C ASP A 234 7.98 -15.93 -32.27
N ASP A 235 7.30 -14.78 -32.28
CA ASP A 235 7.28 -13.85 -33.45
C ASP A 235 8.34 -12.77 -33.24
N ALA A 236 8.43 -12.24 -32.02
CA ALA A 236 9.29 -11.11 -31.62
C ALA A 236 10.77 -11.53 -31.68
N ILE A 237 11.08 -12.74 -31.19
CA ILE A 237 12.42 -13.40 -31.19
C ILE A 237 13.14 -13.17 -32.52
N ALA A 238 12.44 -13.33 -33.65
CA ALA A 238 13.01 -13.35 -35.02
C ALA A 238 13.47 -11.94 -35.43
N GLU A 239 12.52 -10.99 -35.52
CA GLU A 239 12.76 -9.59 -35.97
C GLU A 239 13.52 -8.81 -34.89
N LEU A 240 13.83 -9.47 -33.76
CA LEU A 240 14.51 -8.86 -32.60
C LEU A 240 15.93 -8.43 -32.98
N ASP A 241 16.57 -9.11 -33.96
CA ASP A 241 17.99 -8.88 -34.39
C ASP A 241 18.32 -7.38 -34.36
N THR A 242 17.33 -6.52 -34.64
CA THR A 242 17.48 -5.14 -35.16
C THR A 242 16.67 -4.12 -34.36
N LEU A 243 17.01 -3.88 -33.10
CA LEU A 243 16.36 -2.85 -32.23
C LEU A 243 17.43 -1.96 -31.58
N SER A 244 17.10 -0.67 -31.40
CA SER A 244 17.83 0.26 -30.49
C SER A 244 17.95 -0.41 -29.12
N GLU A 245 18.97 -0.05 -28.35
CA GLU A 245 19.25 -0.68 -27.03
C GLU A 245 17.99 -0.62 -26.15
N GLU A 246 17.47 0.58 -25.88
CA GLU A 246 16.39 0.86 -24.88
C GLU A 246 15.09 0.14 -25.30
N SER A 247 14.93 -0.23 -26.58
CA SER A 247 13.78 -1.01 -27.09
C SER A 247 13.95 -2.49 -26.72
N TYR A 248 15.14 -3.04 -26.95
CA TYR A 248 15.51 -4.43 -26.56
C TYR A 248 15.17 -4.62 -25.07
N LYS A 249 15.50 -3.63 -24.22
CA LYS A 249 15.16 -3.64 -22.77
C LYS A 249 13.65 -3.80 -22.61
N ASP A 250 12.87 -3.05 -23.41
CA ASP A 250 11.39 -3.07 -23.37
C ASP A 250 10.91 -4.45 -23.85
N SER A 251 11.17 -4.78 -25.11
CA SER A 251 10.72 -6.04 -25.77
C SER A 251 11.01 -7.25 -24.88
N THR A 252 12.25 -7.35 -24.40
CA THR A 252 12.79 -8.46 -23.56
C THR A 252 12.03 -8.52 -22.23
N LEU A 253 11.82 -7.38 -21.59
CA LEU A 253 11.08 -7.28 -20.30
C LEU A 253 9.76 -8.04 -20.43
N ILE A 254 8.97 -7.75 -21.48
CA ILE A 254 7.61 -8.31 -21.65
C ILE A 254 7.72 -9.79 -22.05
N MET A 255 8.82 -10.17 -22.72
CA MET A 255 9.06 -11.56 -23.19
C MET A 255 9.40 -12.45 -21.98
N GLN A 256 10.12 -11.91 -21.00
CA GLN A 256 10.36 -12.56 -19.67
C GLN A 256 9.01 -12.89 -19.03
N LEU A 257 8.08 -11.92 -19.02
CA LEU A 257 6.72 -12.04 -18.42
C LEU A 257 5.91 -13.11 -19.15
N LEU A 258 6.07 -13.20 -20.46
CA LEU A 258 5.43 -14.25 -21.30
C LEU A 258 6.07 -15.60 -20.95
N ARG A 259 7.41 -15.67 -20.95
CA ARG A 259 8.19 -16.91 -20.66
C ARG A 259 7.89 -17.39 -19.23
N ASP A 260 7.77 -16.49 -18.26
CA ASP A 260 7.47 -16.85 -16.84
C ASP A 260 6.08 -17.49 -16.75
N ASN A 261 5.08 -16.87 -17.39
CA ASN A 261 3.67 -17.35 -17.37
C ASN A 261 3.66 -18.78 -17.92
N LEU A 262 4.25 -19.00 -19.09
CA LEU A 262 4.39 -20.34 -19.70
C LEU A 262 5.10 -21.27 -18.71
N THR A 263 6.17 -20.80 -18.06
CA THR A 263 6.97 -21.54 -17.04
C THR A 263 6.05 -21.92 -15.87
N LEU A 264 5.39 -20.93 -15.26
CA LEU A 264 4.45 -21.13 -14.12
C LEU A 264 3.33 -22.09 -14.53
N TRP A 265 2.73 -21.88 -15.72
CA TRP A 265 1.53 -22.59 -16.25
C TRP A 265 1.87 -24.03 -16.68
N THR A 266 3.15 -24.39 -16.82
CA THR A 266 3.61 -25.74 -17.28
C THR A 266 4.85 -26.19 -16.49
N ASP B 37 -22.76 -5.25 19.12
CA ASP B 37 -21.81 -4.43 18.31
C ASP B 37 -20.38 -4.92 18.54
N ARG B 38 -19.77 -4.54 19.67
CA ARG B 38 -18.31 -4.66 19.97
C ARG B 38 -17.78 -6.07 19.62
N GLU B 39 -18.58 -7.12 19.83
CA GLU B 39 -18.25 -8.52 19.46
C GLU B 39 -18.04 -8.62 17.95
N ASP B 40 -18.86 -7.90 17.18
CA ASP B 40 -18.81 -7.83 15.68
C ASP B 40 -17.70 -6.86 15.26
N LEU B 41 -17.76 -5.60 15.73
CA LEU B 41 -16.89 -4.47 15.29
C LEU B 41 -15.41 -4.89 15.24
N VAL B 42 -14.97 -5.74 16.18
CA VAL B 42 -13.57 -6.22 16.25
C VAL B 42 -13.30 -7.12 15.04
N TYR B 43 -14.28 -7.92 14.62
CA TYR B 43 -14.18 -8.79 13.42
C TYR B 43 -14.18 -7.93 12.16
N GLN B 44 -15.01 -6.89 12.12
CA GLN B 44 -15.02 -5.85 11.05
C GLN B 44 -13.59 -5.28 10.90
N ALA B 45 -12.90 -5.07 12.03
CA ALA B 45 -11.52 -4.49 12.09
C ALA B 45 -10.48 -5.55 11.72
N LYS B 46 -10.74 -6.83 12.00
CA LYS B 46 -9.86 -7.96 11.60
C LYS B 46 -9.86 -8.07 10.07
N LEU B 47 -11.04 -8.04 9.44
CA LEU B 47 -11.21 -8.14 7.97
C LEU B 47 -10.43 -7.02 7.27
N ALA B 48 -10.54 -5.79 7.78
CA ALA B 48 -9.89 -4.58 7.23
C ALA B 48 -8.36 -4.78 7.25
N GLU B 49 -7.84 -5.40 8.31
CA GLU B 49 -6.39 -5.73 8.48
C GLU B 49 -5.94 -6.67 7.35
N GLN B 50 -6.71 -7.73 7.08
CA GLN B 50 -6.43 -8.75 6.05
C GLN B 50 -6.50 -8.08 4.67
N ALA B 51 -7.60 -7.38 4.41
CA ALA B 51 -7.87 -6.61 3.17
C ALA B 51 -6.81 -5.52 3.01
N GLU B 52 -6.17 -5.13 4.11
CA GLU B 52 -5.16 -4.03 4.18
C GLU B 52 -5.84 -2.72 3.78
N ARG B 53 -7.12 -2.57 4.11
CA ARG B 53 -7.91 -1.30 4.00
C ARG B 53 -7.90 -0.65 5.39
N TYR B 54 -6.77 -0.08 5.78
CA TYR B 54 -6.46 0.35 7.17
C TYR B 54 -7.33 1.56 7.57
N ASP B 55 -7.80 2.35 6.60
CA ASP B 55 -8.66 3.54 6.83
C ASP B 55 -9.98 3.09 7.48
N GLU B 56 -10.47 1.92 7.13
CA GLU B 56 -11.67 1.27 7.77
C GLU B 56 -11.24 0.65 9.11
N MET B 57 -10.17 -0.16 9.11
CA MET B 57 -9.60 -0.81 10.32
C MET B 57 -9.59 0.22 11.46
N VAL B 58 -9.15 1.45 11.17
CA VAL B 58 -9.18 2.60 12.12
C VAL B 58 -10.61 2.81 12.60
N GLU B 59 -11.50 3.25 11.70
CA GLU B 59 -12.91 3.63 11.99
C GLU B 59 -13.59 2.56 12.85
N SER B 60 -13.42 1.27 12.52
CA SER B 60 -13.94 0.13 13.31
C SER B 60 -13.44 0.24 14.77
N MET B 61 -12.13 0.40 14.95
CA MET B 61 -11.46 0.29 16.28
C MET B 61 -11.58 1.60 17.06
N LYS B 62 -11.87 2.72 16.38
CA LYS B 62 -12.27 4.00 17.04
C LYS B 62 -13.67 3.82 17.65
N LYS B 63 -14.56 3.09 16.98
CA LYS B 63 -15.94 2.76 17.45
C LYS B 63 -15.87 1.84 18.67
N VAL B 64 -14.79 1.06 18.81
CA VAL B 64 -14.52 0.18 19.99
C VAL B 64 -13.86 1.01 21.09
N ALA B 65 -12.91 1.88 20.73
CA ALA B 65 -12.25 2.84 21.65
C ALA B 65 -13.31 3.75 22.29
N GLY B 66 -14.26 4.24 21.49
CA GLY B 66 -15.33 5.18 21.92
C GLY B 66 -16.38 4.53 22.80
N MET B 67 -16.16 3.27 23.25
CA MET B 67 -17.01 2.60 24.25
C MET B 67 -16.49 2.88 25.67
N ASP B 68 -15.30 3.50 25.78
CA ASP B 68 -14.65 3.87 27.05
C ASP B 68 -14.61 2.66 27.98
N VAL B 69 -13.91 1.59 27.57
CA VAL B 69 -13.78 0.33 28.35
C VAL B 69 -12.35 -0.20 28.23
N GLU B 70 -12.03 -1.24 29.00
CA GLU B 70 -10.73 -1.96 28.99
C GLU B 70 -10.60 -2.74 27.67
N LEU B 71 -9.78 -2.26 26.74
CA LEU B 71 -9.47 -2.95 25.45
C LEU B 71 -8.67 -4.22 25.75
N THR B 72 -9.09 -5.37 25.19
CA THR B 72 -8.36 -6.67 25.31
C THR B 72 -7.02 -6.53 24.57
N VAL B 73 -6.03 -7.36 24.94
CA VAL B 73 -4.66 -7.32 24.33
C VAL B 73 -4.84 -7.22 22.80
N GLU B 74 -5.73 -8.06 22.25
CA GLU B 74 -6.15 -8.04 20.83
C GLU B 74 -6.55 -6.62 20.43
N GLU B 75 -7.67 -6.12 20.98
CA GLU B 75 -8.24 -4.78 20.66
C GLU B 75 -7.13 -3.72 20.77
N ARG B 76 -6.30 -3.79 21.82
CA ARG B 76 -5.15 -2.87 22.03
C ARG B 76 -4.26 -2.85 20.78
N ASN B 77 -3.97 -4.05 20.25
CA ASN B 77 -2.99 -4.26 19.14
C ASN B 77 -3.66 -3.90 17.81
N LEU B 78 -4.90 -4.36 17.57
CA LEU B 78 -5.68 -4.02 16.36
C LEU B 78 -5.71 -2.49 16.19
N LEU B 79 -6.15 -1.76 17.21
CA LEU B 79 -6.11 -0.27 17.20
C LEU B 79 -4.68 0.18 16.87
N SER B 80 -3.68 -0.35 17.60
CA SER B 80 -2.25 0.02 17.48
C SER B 80 -1.82 -0.06 16.01
N VAL B 81 -2.11 -1.21 15.39
CA VAL B 81 -1.68 -1.59 14.00
C VAL B 81 -2.35 -0.65 12.99
N ALA B 82 -3.67 -0.44 13.13
CA ALA B 82 -4.51 0.35 12.20
C ALA B 82 -3.87 1.73 11.95
N TYR B 83 -3.58 2.47 13.03
CA TYR B 83 -3.03 3.84 12.98
C TYR B 83 -1.59 3.81 12.47
N LYS B 84 -0.80 2.81 12.89
CA LYS B 84 0.62 2.63 12.49
C LYS B 84 0.70 2.58 10.95
N ASN B 85 -0.17 1.79 10.32
CA ASN B 85 -0.24 1.62 8.84
C ASN B 85 -0.71 2.93 8.17
N VAL B 86 -1.75 3.58 8.73
CA VAL B 86 -2.37 4.80 8.15
C VAL B 86 -1.30 5.90 8.13
N ILE B 87 -0.72 6.23 9.29
CA ILE B 87 0.40 7.21 9.43
C ILE B 87 1.58 6.70 8.58
N GLY B 88 1.91 5.41 8.69
CA GLY B 88 2.97 4.72 7.93
C GLY B 88 2.99 5.16 6.48
N ALA B 89 1.83 5.05 5.80
CA ALA B 89 1.63 5.44 4.39
C ALA B 89 2.12 6.88 4.18
N ARG B 90 1.63 7.81 4.99
CA ARG B 90 1.91 9.26 4.85
C ARG B 90 3.39 9.52 5.15
N ARG B 91 3.90 8.89 6.20
CA ARG B 91 5.32 9.02 6.61
C ARG B 91 6.22 8.61 5.44
N ALA B 92 5.99 7.40 4.89
CA ALA B 92 6.71 6.84 3.72
C ALA B 92 6.71 7.86 2.58
N SER B 93 5.52 8.38 2.25
CA SER B 93 5.31 9.43 1.22
C SER B 93 6.24 10.60 1.52
N TRP B 94 6.15 11.15 2.74
CA TRP B 94 6.92 12.34 3.20
C TRP B 94 8.41 12.16 2.89
N ARG B 95 9.04 11.11 3.45
CA ARG B 95 10.49 10.82 3.25
C ARG B 95 10.80 10.88 1.75
N ILE B 96 9.97 10.20 0.94
CA ILE B 96 10.13 10.09 -0.54
C ILE B 96 10.04 11.50 -1.15
N ILE B 97 9.02 12.28 -0.76
CA ILE B 97 8.76 13.66 -1.28
C ILE B 97 9.98 14.54 -0.96
N SER B 98 10.52 14.42 0.25
CA SER B 98 11.72 15.15 0.73
C SER B 98 12.96 14.70 -0.05
N SER B 99 13.01 13.42 -0.46
CA SER B 99 14.10 12.81 -1.28
C SER B 99 14.18 13.48 -2.66
N ILE B 100 13.05 13.95 -3.18
CA ILE B 100 12.95 14.63 -4.51
C ILE B 100 13.31 16.12 -4.31
N GLU B 101 12.81 16.72 -3.21
CA GLU B 101 13.05 18.14 -2.81
C GLU B 101 14.54 18.36 -2.61
N GLN B 102 15.20 17.46 -1.85
CA GLN B 102 16.67 17.45 -1.58
C GLN B 102 17.44 17.09 -2.85
N LYS B 103 16.89 16.20 -3.69
CA LYS B 103 17.48 15.78 -4.99
C LYS B 103 17.31 16.89 -6.04
N GLU B 104 16.46 17.88 -5.77
CA GLU B 104 16.21 19.07 -6.65
C GLU B 104 16.65 20.36 -5.95
N GLU B 105 17.31 20.25 -4.79
CA GLU B 105 18.10 21.36 -4.17
C GLU B 105 19.54 21.25 -4.68
N ASN B 106 20.09 20.03 -4.65
CA ASN B 106 21.42 19.67 -5.23
C ASN B 106 21.39 19.93 -6.74
N LYS B 107 20.27 19.64 -7.41
CA LYS B 107 20.08 19.82 -8.88
C LYS B 107 19.70 21.28 -9.19
N GLY B 108 19.21 22.02 -8.18
CA GLY B 108 19.04 23.49 -8.22
C GLY B 108 17.77 23.94 -8.91
N GLY B 109 17.00 23.01 -9.50
CA GLY B 109 15.77 23.31 -10.26
C GLY B 109 14.66 23.83 -9.35
N GLU B 110 14.40 25.14 -9.39
CA GLU B 110 13.58 25.87 -8.38
C GLU B 110 12.23 26.32 -8.97
N ASP B 111 11.66 25.52 -9.90
CA ASP B 111 10.31 25.75 -10.49
C ASP B 111 9.39 24.61 -10.05
N LYS B 112 9.86 23.36 -10.25
CA LYS B 112 9.25 22.12 -9.69
C LYS B 112 9.21 22.23 -8.15
N LEU B 113 10.28 22.76 -7.54
CA LEU B 113 10.44 22.87 -6.06
C LEU B 113 9.21 23.55 -5.42
N LYS B 114 8.57 24.46 -6.17
CA LYS B 114 7.36 25.20 -5.73
C LYS B 114 6.20 24.21 -5.52
N MET B 115 5.91 23.38 -6.53
CA MET B 115 4.85 22.34 -6.49
C MET B 115 5.20 21.27 -5.44
N ILE B 116 6.47 20.87 -5.36
CA ILE B 116 6.98 19.77 -4.47
C ILE B 116 6.72 20.13 -3.01
N ARG B 117 7.09 21.35 -2.58
CA ARG B 117 6.91 21.85 -1.20
C ARG B 117 5.41 22.05 -0.93
N GLU B 118 4.65 22.44 -1.95
CA GLU B 118 3.16 22.48 -1.94
C GLU B 118 2.64 21.06 -1.64
N TYR B 119 3.32 20.03 -2.16
CA TYR B 119 2.92 18.61 -2.05
C TYR B 119 3.32 18.06 -0.68
N ARG B 120 4.52 18.40 -0.18
CA ARG B 120 5.01 17.90 1.13
C ARG B 120 4.10 18.38 2.26
N GLN B 121 3.68 19.65 2.20
CA GLN B 121 2.83 20.29 3.24
C GLN B 121 1.45 19.63 3.25
N MET B 122 0.88 19.36 2.06
CA MET B 122 -0.40 18.62 1.86
C MET B 122 -0.39 17.34 2.71
N VAL B 123 0.71 16.59 2.67
CA VAL B 123 0.96 15.37 3.49
C VAL B 123 1.07 15.78 4.96
N GLU B 124 1.87 16.81 5.24
CA GLU B 124 2.18 17.28 6.63
C GLU B 124 0.88 17.60 7.38
N THR B 125 -0.13 18.10 6.67
CA THR B 125 -1.49 18.32 7.21
C THR B 125 -2.07 16.99 7.67
N GLU B 126 -2.07 15.99 6.79
CA GLU B 126 -2.56 14.61 7.06
C GLU B 126 -1.77 14.01 8.24
N LEU B 127 -0.44 14.15 8.23
CA LEU B 127 0.46 13.74 9.35
C LEU B 127 0.00 14.44 10.63
N LYS B 128 -0.33 15.73 10.56
CA LYS B 128 -0.87 16.52 11.70
C LYS B 128 -2.25 15.96 12.11
N LEU B 129 -3.16 15.82 11.13
CA LEU B 129 -4.57 15.37 11.33
C LEU B 129 -4.59 13.99 11.98
N ILE B 130 -3.86 13.02 11.40
CA ILE B 130 -3.85 11.60 11.83
C ILE B 130 -3.32 11.52 13.27
N CYS B 131 -2.11 12.07 13.51
CA CYS B 131 -1.44 12.09 14.83
C CYS B 131 -2.40 12.64 15.89
N CYS B 132 -2.97 13.81 15.62
CA CYS B 132 -3.86 14.56 16.56
C CYS B 132 -5.18 13.82 16.76
N ASP B 133 -5.64 13.06 15.75
CA ASP B 133 -6.85 12.19 15.87
C ASP B 133 -6.61 11.19 17.00
N ILE B 134 -5.54 10.39 16.91
CA ILE B 134 -5.30 9.23 17.81
C ILE B 134 -4.93 9.72 19.22
N LEU B 135 -4.03 10.70 19.32
CA LEU B 135 -3.67 11.34 20.62
C LEU B 135 -4.96 11.77 21.35
N ASP B 136 -5.90 12.37 20.60
CA ASP B 136 -7.19 12.87 21.13
C ASP B 136 -7.99 11.69 21.69
N VAL B 137 -7.93 10.51 21.06
CA VAL B 137 -8.62 9.28 21.54
C VAL B 137 -7.95 8.80 22.83
N LEU B 138 -6.63 8.97 22.94
CA LEU B 138 -5.82 8.40 24.04
C LEU B 138 -6.12 9.13 25.36
N ASP B 139 -5.94 10.45 25.41
CA ASP B 139 -6.03 11.27 26.66
C ASP B 139 -7.50 11.42 27.08
N LYS B 140 -8.45 11.33 26.14
CA LYS B 140 -9.91 11.47 26.41
C LYS B 140 -10.54 10.11 26.74
N HIS B 141 -10.35 9.10 25.88
CA HIS B 141 -11.14 7.83 25.87
C HIS B 141 -10.35 6.65 26.45
N LEU B 142 -9.07 6.48 26.06
CA LEU B 142 -8.29 5.25 26.35
C LEU B 142 -7.57 5.37 27.69
N ILE B 143 -6.70 6.38 27.86
CA ILE B 143 -5.78 6.52 29.03
C ILE B 143 -6.61 6.56 30.31
N PRO B 144 -7.57 7.50 30.46
CA PRO B 144 -8.50 7.44 31.59
C PRO B 144 -9.09 6.04 31.86
N ALA B 145 -9.56 5.35 30.81
CA ALA B 145 -10.29 4.06 30.88
C ALA B 145 -9.34 2.90 31.24
N ALA B 146 -8.02 3.11 31.18
CA ALA B 146 -6.98 2.08 31.46
C ALA B 146 -6.89 1.82 32.97
N ASN B 147 -6.75 0.55 33.37
CA ASN B 147 -6.67 0.13 34.79
C ASN B 147 -5.82 -1.14 34.98
N THR B 148 -4.90 -1.44 34.05
CA THR B 148 -3.91 -2.55 34.15
C THR B 148 -2.54 -2.05 33.73
N GLY B 149 -1.47 -2.57 34.35
CA GLY B 149 -0.08 -2.20 34.05
C GLY B 149 0.18 -2.15 32.56
N GLU B 150 -0.13 -3.25 31.85
CA GLU B 150 0.11 -3.40 30.39
C GLU B 150 -0.56 -2.24 29.64
N SER B 151 -1.89 -2.16 29.69
CA SER B 151 -2.72 -1.18 28.94
C SER B 151 -2.35 0.25 29.35
N LYS B 152 -2.09 0.49 30.64
CA LYS B 152 -1.60 1.79 31.17
C LYS B 152 -0.31 2.17 30.41
N VAL B 153 0.69 1.28 30.40
CA VAL B 153 2.04 1.52 29.78
C VAL B 153 1.91 1.54 28.25
N PHE B 154 1.03 0.70 27.70
CA PHE B 154 0.74 0.56 26.25
C PHE B 154 0.39 1.93 25.65
N TYR B 155 -0.50 2.68 26.30
CA TYR B 155 -1.11 3.93 25.77
C TYR B 155 -0.14 5.11 25.92
N TYR B 156 0.57 5.23 27.04
CA TYR B 156 1.54 6.33 27.26
C TYR B 156 2.64 6.24 26.18
N LYS B 157 3.14 5.03 25.92
CA LYS B 157 4.13 4.72 24.84
C LYS B 157 3.57 5.20 23.50
N MET B 158 2.35 4.76 23.19
CA MET B 158 1.54 5.17 22.01
C MET B 158 1.55 6.70 21.91
N LYS B 159 1.22 7.39 23.00
CA LYS B 159 1.19 8.88 23.06
C LYS B 159 2.55 9.42 22.65
N GLY B 160 3.64 8.81 23.15
CA GLY B 160 5.02 9.18 22.80
C GLY B 160 5.26 9.10 21.31
N ASP B 161 4.80 8.01 20.68
CA ASP B 161 5.08 7.67 19.26
C ASP B 161 4.51 8.77 18.34
N TYR B 162 3.24 9.13 18.52
CA TYR B 162 2.50 10.04 17.60
C TYR B 162 3.00 11.48 17.78
N HIS B 163 3.25 11.93 19.02
CA HIS B 163 3.98 13.20 19.30
C HIS B 163 5.34 13.16 18.59
N ARG B 164 6.02 12.01 18.62
CA ARG B 164 7.31 11.80 17.93
C ARG B 164 7.12 11.99 16.42
N TYR B 165 6.09 11.34 15.83
CA TYR B 165 5.80 11.42 14.38
C TYR B 165 5.50 12.87 14.00
N LEU B 166 4.78 13.61 14.86
CA LEU B 166 4.59 15.08 14.73
C LEU B 166 5.95 15.76 14.66
N ALA B 167 6.83 15.46 15.62
CA ALA B 167 8.20 16.03 15.75
C ALA B 167 9.06 15.62 14.54
N GLU B 168 8.78 14.48 13.92
CA GLU B 168 9.58 13.90 12.81
C GLU B 168 9.67 14.87 11.63
N PHE B 169 8.58 15.57 11.29
CA PHE B 169 8.49 16.42 10.07
C PHE B 169 8.62 17.91 10.41
N ALA B 170 8.25 18.32 11.64
CA ALA B 170 8.13 19.73 12.09
C ALA B 170 9.47 20.45 12.07
N THR B 171 9.45 21.77 12.35
CA THR B 171 10.63 22.67 12.37
C THR B 171 10.46 23.70 13.50
N GLY B 172 11.56 24.30 13.96
CA GLY B 172 11.59 25.46 14.87
C GLY B 172 11.01 25.14 16.24
N ASN B 173 10.07 25.99 16.72
CA ASN B 173 9.41 25.87 18.05
C ASN B 173 8.14 25.01 17.94
N ASP B 174 7.89 24.40 16.78
CA ASP B 174 6.83 23.38 16.57
C ASP B 174 7.39 22.00 16.96
N ARG B 175 8.65 21.73 16.61
CA ARG B 175 9.40 20.49 16.97
C ARG B 175 9.51 20.38 18.49
N LYS B 176 10.08 21.40 19.13
CA LYS B 176 10.40 21.45 20.59
C LYS B 176 9.13 21.18 21.42
N GLU B 177 7.96 21.65 20.95
CA GLU B 177 6.64 21.54 21.64
C GLU B 177 6.22 20.07 21.78
N ALA B 178 6.20 19.33 20.67
CA ALA B 178 5.78 17.90 20.61
C ALA B 178 6.95 16.99 21.03
N ALA B 179 8.19 17.44 20.85
CA ALA B 179 9.41 16.75 21.31
C ALA B 179 9.35 16.58 22.83
N GLU B 180 9.09 17.68 23.57
CA GLU B 180 9.00 17.68 25.05
C GLU B 180 7.70 17.00 25.51
N ASN B 181 6.68 16.95 24.64
CA ASN B 181 5.33 16.37 24.91
C ASN B 181 5.36 14.86 24.70
N SER B 182 6.37 14.37 23.96
CA SER B 182 6.71 12.93 23.76
C SER B 182 7.58 12.48 24.93
N LEU B 183 8.75 13.12 25.09
CA LEU B 183 9.78 12.84 26.13
C LEU B 183 9.13 12.70 27.51
N VAL B 184 8.04 13.45 27.75
CA VAL B 184 7.19 13.36 28.98
C VAL B 184 6.39 12.05 28.93
N ALA B 185 5.68 11.81 27.82
CA ALA B 185 4.72 10.69 27.64
C ALA B 185 5.44 9.34 27.58
N TYR B 186 6.64 9.29 26.99
CA TYR B 186 7.54 8.10 27.00
C TYR B 186 8.00 7.83 28.43
N LYS B 187 8.58 8.85 29.07
CA LYS B 187 9.09 8.84 30.48
C LYS B 187 7.99 8.42 31.45
N ALA B 188 6.71 8.68 31.12
CA ALA B 188 5.53 8.32 31.94
C ALA B 188 5.28 6.82 31.90
N ALA B 189 5.32 6.21 30.71
CA ALA B 189 5.19 4.75 30.49
C ALA B 189 6.42 4.04 31.05
N SER B 190 7.61 4.62 30.86
CA SER B 190 8.90 4.16 31.42
C SER B 190 8.73 3.89 32.92
N ASP B 191 8.22 4.89 33.65
CA ASP B 191 8.09 4.89 35.12
C ASP B 191 7.06 3.85 35.55
N ILE B 192 5.88 3.81 34.89
CA ILE B 192 4.77 2.88 35.22
C ILE B 192 5.19 1.45 34.84
N ALA B 193 6.04 1.30 33.82
CA ALA B 193 6.57 0.00 33.34
C ALA B 193 7.51 -0.61 34.39
N MET B 194 8.39 0.20 34.97
CA MET B 194 9.54 -0.24 35.80
C MET B 194 9.06 -0.82 37.13
N THR B 195 7.78 -0.67 37.48
CA THR B 195 7.16 -1.23 38.71
C THR B 195 6.16 -2.33 38.37
N GLU B 196 5.34 -2.14 37.33
CA GLU B 196 4.15 -3.00 37.04
C GLU B 196 4.55 -4.14 36.08
N LEU B 197 5.42 -3.87 35.10
CA LEU B 197 5.87 -4.84 34.06
C LEU B 197 7.30 -5.32 34.36
N PRO B 198 7.63 -6.60 34.10
CA PRO B 198 9.02 -7.06 34.18
C PRO B 198 9.86 -6.55 33.01
N PRO B 199 11.21 -6.69 33.06
CA PRO B 199 12.07 -6.14 32.01
C PRO B 199 12.01 -6.91 30.67
N THR B 200 11.44 -8.13 30.70
CA THR B 200 11.34 -9.06 29.56
C THR B 200 9.98 -8.94 28.87
N HIS B 201 9.08 -8.12 29.43
CA HIS B 201 7.74 -7.85 28.86
C HIS B 201 7.89 -7.03 27.59
N PRO B 202 7.31 -7.49 26.45
CA PRO B 202 7.56 -6.89 25.14
C PRO B 202 7.12 -5.43 25.04
N ILE B 203 5.98 -5.07 25.65
CA ILE B 203 5.40 -3.69 25.64
C ILE B 203 6.45 -2.72 26.21
N ARG B 204 7.10 -3.12 27.30
CA ARG B 204 8.18 -2.34 27.95
C ARG B 204 9.39 -2.28 27.01
N LEU B 205 9.73 -3.40 26.38
CA LEU B 205 10.93 -3.53 25.49
C LEU B 205 10.72 -2.71 24.21
N GLY B 206 9.49 -2.72 23.66
CA GLY B 206 9.09 -1.91 22.49
C GLY B 206 9.13 -0.43 22.83
N LEU B 207 8.79 -0.08 24.07
CA LEU B 207 8.89 1.31 24.60
C LEU B 207 10.34 1.79 24.43
N ALA B 208 11.28 1.05 25.04
CA ALA B 208 12.73 1.34 25.02
C ALA B 208 13.22 1.39 23.56
N LEU B 209 12.70 0.50 22.71
CA LEU B 209 13.04 0.44 21.27
C LEU B 209 12.68 1.79 20.64
N ASN B 210 11.45 2.26 20.89
CA ASN B 210 10.91 3.53 20.33
C ASN B 210 11.55 4.73 21.05
N PHE B 211 11.73 4.66 22.38
CA PHE B 211 12.36 5.72 23.19
C PHE B 211 13.80 5.93 22.71
N SER B 212 14.58 4.86 22.57
CA SER B 212 15.96 4.90 22.02
C SER B 212 15.92 5.60 20.65
N VAL B 213 14.94 5.23 19.82
CA VAL B 213 14.70 5.86 18.48
C VAL B 213 14.51 7.37 18.68
N PHE B 214 13.69 7.77 19.67
CA PHE B 214 13.34 9.18 19.99
C PHE B 214 14.62 10.01 20.18
N TYR B 215 15.61 9.49 20.91
CA TYR B 215 16.89 10.20 21.18
C TYR B 215 17.72 10.29 19.88
N TYR B 216 17.93 9.17 19.20
CA TYR B 216 18.80 9.09 17.99
C TYR B 216 18.23 9.99 16.89
N GLU B 217 16.90 10.00 16.75
CA GLU B 217 16.15 10.77 15.73
C GLU B 217 15.85 12.18 16.28
N ILE B 218 14.87 12.29 17.18
CA ILE B 218 14.24 13.59 17.59
C ILE B 218 15.32 14.51 18.17
N LEU B 219 15.99 14.07 19.24
CA LEU B 219 16.94 14.89 20.04
C LEU B 219 18.36 14.81 19.46
N ASN B 220 18.60 14.00 18.42
CA ASN B 220 19.93 13.89 17.77
C ASN B 220 21.00 13.47 18.80
N SER B 221 20.66 12.53 19.70
CA SER B 221 21.57 11.99 20.74
C SER B 221 21.88 10.53 20.44
N PRO B 222 22.93 10.21 19.63
CA PRO B 222 23.23 8.84 19.26
C PRO B 222 23.63 7.98 20.46
N ASP B 223 24.32 8.56 21.45
CA ASP B 223 24.86 7.87 22.64
C ASP B 223 23.70 7.39 23.54
N ARG B 224 22.89 8.32 24.06
CA ARG B 224 21.76 8.00 24.98
C ARG B 224 20.81 7.00 24.34
N ALA B 225 20.66 7.03 23.01
CA ALA B 225 19.83 6.08 22.22
C ALA B 225 20.33 4.65 22.47
N CYS B 226 21.61 4.41 22.16
CA CYS B 226 22.29 3.09 22.28
C CYS B 226 22.30 2.64 23.75
N ARG B 227 22.77 3.50 24.65
CA ARG B 227 22.79 3.22 26.12
C ARG B 227 21.41 2.72 26.55
N LEU B 228 20.33 3.37 26.10
CA LEU B 228 18.93 3.01 26.45
C LEU B 228 18.53 1.72 25.74
N ALA B 229 18.97 1.54 24.49
CA ALA B 229 18.74 0.32 23.68
C ALA B 229 19.38 -0.88 24.39
N LYS B 230 20.72 -0.90 24.48
CA LYS B 230 21.52 -1.96 25.17
C LYS B 230 20.94 -2.20 26.57
N ALA B 231 20.74 -1.14 27.36
CA ALA B 231 20.16 -1.20 28.73
C ALA B 231 18.93 -2.11 28.73
N ALA B 232 17.96 -1.82 27.86
CA ALA B 232 16.65 -2.52 27.74
C ALA B 232 16.86 -3.99 27.40
N PHE B 233 17.70 -4.25 26.37
CA PHE B 233 18.17 -5.58 25.96
C PHE B 233 18.76 -6.32 27.18
N ASP B 234 19.78 -5.71 27.81
CA ASP B 234 20.67 -6.35 28.83
C ASP B 234 19.86 -6.78 30.06
N ASP B 235 18.86 -6.00 30.48
CA ASP B 235 18.03 -6.30 31.68
C ASP B 235 17.12 -7.50 31.38
N ALA B 236 16.79 -7.72 30.11
CA ALA B 236 15.85 -8.77 29.66
C ALA B 236 16.51 -10.14 29.76
N ILE B 237 17.82 -10.23 29.50
CA ILE B 237 18.56 -11.52 29.31
C ILE B 237 18.27 -12.47 30.48
N ALA B 238 18.30 -11.95 31.71
CA ALA B 238 18.23 -12.73 32.98
C ALA B 238 16.95 -13.58 33.04
N GLU B 239 15.79 -12.92 32.91
CA GLU B 239 14.47 -13.45 33.40
C GLU B 239 13.78 -14.33 32.34
N LEU B 240 14.34 -14.46 31.14
CA LEU B 240 13.75 -15.31 30.05
C LEU B 240 13.59 -16.76 30.55
N ASP B 241 14.49 -17.25 31.41
CA ASP B 241 14.40 -18.57 32.08
C ASP B 241 12.93 -18.86 32.42
N THR B 242 12.27 -17.91 33.10
CA THR B 242 11.03 -18.10 33.89
C THR B 242 9.78 -18.09 33.00
N LEU B 243 9.78 -17.38 31.86
CA LEU B 243 8.54 -17.07 31.10
C LEU B 243 8.18 -18.22 30.13
N SER B 244 7.02 -18.10 29.46
CA SER B 244 6.37 -19.14 28.60
C SER B 244 7.12 -19.28 27.28
N GLU B 245 6.79 -20.29 26.48
CA GLU B 245 7.41 -20.53 25.14
C GLU B 245 6.91 -19.47 24.15
N GLU B 246 5.63 -19.06 24.25
CA GLU B 246 5.03 -18.01 23.38
C GLU B 246 5.47 -16.62 23.88
N SER B 247 5.59 -16.45 25.20
CA SER B 247 6.02 -15.19 25.87
C SER B 247 7.52 -14.99 25.66
N TYR B 248 8.28 -16.08 25.54
CA TYR B 248 9.73 -16.10 25.16
C TYR B 248 9.88 -15.62 23.71
N LYS B 249 8.99 -16.08 22.82
CA LYS B 249 8.95 -15.70 21.38
C LYS B 249 8.77 -14.18 21.26
N ASP B 250 7.73 -13.64 21.91
CA ASP B 250 7.35 -12.20 21.86
C ASP B 250 8.53 -11.33 22.32
N SER B 251 9.19 -11.72 23.41
CA SER B 251 10.33 -10.98 24.01
C SER B 251 11.52 -10.99 23.04
N THR B 252 11.97 -12.18 22.63
CA THR B 252 13.17 -12.41 21.78
C THR B 252 13.11 -11.56 20.50
N LEU B 253 11.94 -11.47 19.85
CA LEU B 253 11.77 -10.73 18.57
C LEU B 253 12.13 -9.26 18.80
N ILE B 254 11.62 -8.66 19.87
CA ILE B 254 11.79 -7.22 20.18
C ILE B 254 13.24 -6.99 20.64
N MET B 255 13.88 -7.99 21.25
CA MET B 255 15.31 -7.95 21.63
C MET B 255 16.17 -7.93 20.37
N GLN B 256 15.74 -8.66 19.33
CA GLN B 256 16.40 -8.74 18.00
C GLN B 256 16.39 -7.34 17.36
N LEU B 257 15.24 -6.66 17.39
CA LEU B 257 15.06 -5.27 16.86
C LEU B 257 15.99 -4.31 17.61
N LEU B 258 15.94 -4.31 18.95
CA LEU B 258 16.85 -3.53 19.83
C LEU B 258 18.30 -3.74 19.38
N ARG B 259 18.70 -5.02 19.22
CA ARG B 259 20.08 -5.44 18.86
C ARG B 259 20.38 -4.98 17.42
N ASP B 260 19.41 -5.12 16.51
CA ASP B 260 19.53 -4.74 15.07
C ASP B 260 19.84 -3.24 14.95
N ASN B 261 19.27 -2.40 15.82
CA ASN B 261 19.51 -0.94 15.83
C ASN B 261 20.96 -0.69 16.29
N LEU B 262 21.31 -1.18 17.49
CA LEU B 262 22.67 -1.10 18.06
C LEU B 262 23.70 -1.57 17.03
N THR B 263 23.39 -2.64 16.30
CA THR B 263 24.20 -3.13 15.15
C THR B 263 24.34 -1.97 14.15
N LEU B 264 23.22 -1.46 13.61
CA LEU B 264 23.19 -0.43 12.52
C LEU B 264 23.85 0.85 13.00
N TRP B 265 23.48 1.37 14.18
CA TRP B 265 23.95 2.67 14.76
C TRP B 265 25.40 2.59 15.25
N THR B 266 26.10 1.46 15.09
CA THR B 266 27.56 1.28 15.38
C THR B 266 28.13 0.25 14.40
N ARG C 7 3.90 -18.19 -6.71
CA ARG C 7 4.09 -16.98 -7.59
C ARG C 7 2.76 -16.65 -8.28
N ARG C 8 2.51 -15.36 -8.51
CA ARG C 8 1.31 -14.85 -9.21
C ARG C 8 1.66 -14.61 -10.68
N ARG C 9 1.01 -15.33 -11.59
CA ARG C 9 1.13 -15.12 -13.06
C ARG C 9 1.19 -13.62 -13.36
N ASN C 10 2.07 -13.21 -14.28
CA ASN C 10 2.28 -11.78 -14.63
C ASN C 10 1.16 -11.33 -15.56
N SEP C 11 0.67 -10.11 -15.29
CA SEP C 11 -0.08 -9.35 -16.26
CB SEP C 11 -1.54 -9.33 -15.90
OG SEP C 11 -1.76 -8.33 -14.89
C SEP C 11 0.53 -7.95 -16.34
O SEP C 11 1.05 -7.45 -15.33
P SEP C 11 -3.26 -8.09 -14.36
O1P SEP C 11 -3.11 -7.53 -12.96
O2P SEP C 11 -3.93 -9.45 -14.40
O3P SEP C 11 -3.87 -7.12 -15.34
N ASN C 12 0.48 -7.35 -17.53
CA ASN C 12 0.98 -6.00 -17.74
C ASN C 12 -0.21 -5.11 -18.12
N GLY D 6 21.62 2.86 3.46
CA GLY D 6 21.48 2.25 4.82
C GLY D 6 20.07 1.73 5.05
N ARG D 7 19.93 0.44 5.39
CA ARG D 7 18.62 -0.20 5.69
C ARG D 7 18.05 0.45 6.94
N ARG D 8 16.72 0.52 7.05
CA ARG D 8 16.01 1.39 8.02
C ARG D 8 16.05 0.80 9.43
N ARG D 9 16.13 1.69 10.43
CA ARG D 9 16.03 1.40 11.89
C ARG D 9 14.72 0.66 12.20
N ASN D 10 14.63 0.10 13.40
CA ASN D 10 13.44 -0.66 13.90
C ASN D 10 12.66 0.22 14.87
N SEP D 11 11.33 0.20 14.73
CA SEP D 11 10.43 0.73 15.73
CB SEP D 11 10.14 2.20 15.49
OG SEP D 11 9.21 2.31 14.38
C SEP D 11 9.16 -0.13 15.72
O SEP D 11 8.77 -0.65 14.68
P SEP D 11 8.68 3.78 13.95
O1P SEP D 11 9.66 4.77 14.56
O2P SEP D 11 7.29 3.87 14.53
O3P SEP D 11 8.69 3.81 12.43
N ASN D 12 8.54 -0.27 16.89
CA ASN D 12 7.41 -1.17 17.08
C ASN D 12 6.26 -0.37 17.70
C TRS E . 9.91 7.90 40.27
C1 TRS E . 9.78 9.40 40.54
C2 TRS E . 8.76 7.14 40.95
C3 TRS E . 11.26 7.38 40.77
N TRS E . 9.82 7.68 38.79
O1 TRS E . 9.85 9.72 41.91
O2 TRS E . 7.88 6.54 40.01
O3 TRS E . 12.21 7.26 39.71
#